data_5AQT
#
_entry.id   5AQT
#
_cell.length_a   115.237
_cell.length_b   40.840
_cell.length_c   131.959
_cell.angle_alpha   90.00
_cell.angle_beta   117.99
_cell.angle_gamma   90.00
#
_symmetry.space_group_name_H-M   'C 1 2 1'
#
loop_
_entity.id
_entity.type
_entity.pdbx_description
1 polymer 'HEAT SHOCK COGNATE 71 KDA PROTEIN'
2 polymer 'BAG FAMILY MOLECULAR CHAPERONE REGULATOR 1'
3 non-polymer (1S,2R,3R,5R)-3-(hydroxymethyl)-5-(quinazolin-4-ylamino)cyclopentane-1,2-diol
4 non-polymer 2-AMINO-2-HYDROXYMETHYL-PROPANE-1,3-DIOL
5 non-polymer 'DIMETHYL SULFOXIDE'
6 non-polymer GLYCEROL
7 water water
#
loop_
_entity_poly.entity_id
_entity_poly.type
_entity_poly.pdbx_seq_one_letter_code
_entity_poly.pdbx_strand_id
1 'polypeptide(L)'
;GPLGSMSKGPAVGIDLGTTYSCVGVFQHGKVEIIANDQGNRTTPSYVAFTDTERLIGDAAKNQVAMNPTNTVFDAKRLIG
RRFDDAVVQSDMKHWPFMVVNDAGRPKVQVEYKGETKSFYPEEVSSMVLTKMKEIAEAYLGKTVTNAVVTVPAYFNDSQR
QATKDAGTIAGLNVLRIINEPTAAAIAYGLDKKVGAERNVLIFDLGGGTFDVSILTIEDGIFEVKSTAGDTHLGGEDFDN
RMVNHFIAEFKRKHKKDISENKRAVRRLRTACERAKRTLSSSTQASIEIDSLYEGIDFYTSITRARFEELNADLFRGTLD
PVEKALRDAKLDKSQIHDIVLVGGSTRIPKIQKLLQDFFNGKELNKSINPDEAVAYGAAVQAAILS
;
A
2 'polypeptide(L)'
;GPLGSNSPQEEVELKKLKHLEKSVEKIADQLEELNKELTGIQQGFLPKDLQAEALCKLDRRVKATIEQFMKILEEIDTLI
LPENFKDSRLKRKGLVKKVQAFLAECDTVEQNICQETE
;
B
#
# COMPACT_ATOMS: atom_id res chain seq x y z
N MET A 6 -18.49 -6.47 -26.24
CA MET A 6 -17.08 -6.84 -26.12
C MET A 6 -16.86 -8.27 -26.62
N SER A 7 -15.76 -8.49 -27.36
CA SER A 7 -15.39 -9.81 -27.90
C SER A 7 -14.63 -10.64 -26.85
N LYS A 8 -14.24 -11.89 -27.20
CA LYS A 8 -13.53 -12.79 -26.28
C LYS A 8 -12.08 -12.36 -26.05
N GLY A 9 -11.72 -12.19 -24.77
CA GLY A 9 -10.38 -11.78 -24.37
C GLY A 9 -9.44 -12.89 -23.95
N PRO A 10 -8.15 -12.56 -23.72
CA PRO A 10 -7.18 -13.58 -23.31
C PRO A 10 -7.25 -13.98 -21.83
N ALA A 11 -6.35 -14.87 -21.39
CA ALA A 11 -6.23 -15.29 -19.98
C ALA A 11 -5.24 -14.39 -19.26
N VAL A 12 -5.55 -14.06 -18.00
CA VAL A 12 -4.75 -13.16 -17.17
C VAL A 12 -4.14 -13.86 -15.94
N GLY A 13 -3.09 -13.27 -15.41
CA GLY A 13 -2.43 -13.71 -14.19
C GLY A 13 -2.67 -12.66 -13.13
N ILE A 14 -3.18 -13.08 -11.97
CA ILE A 14 -3.49 -12.18 -10.88
C ILE A 14 -2.77 -12.53 -9.58
N ASP A 15 -2.04 -11.58 -9.03
CA ASP A 15 -1.35 -11.77 -7.77
C ASP A 15 -2.27 -11.11 -6.76
N LEU A 16 -2.94 -11.92 -5.95
CA LEU A 16 -3.86 -11.42 -4.94
C LEU A 16 -3.03 -11.27 -3.67
N GLY A 17 -2.69 -10.02 -3.36
CA GLY A 17 -1.85 -9.71 -2.21
C GLY A 17 -2.57 -9.27 -0.95
N THR A 18 -1.86 -9.31 0.20
CA THR A 18 -2.47 -8.92 1.48
C THR A 18 -2.89 -7.43 1.47
N THR A 19 -2.02 -6.53 0.98
CA THR A 19 -2.33 -5.09 0.96
C THR A 19 -2.53 -4.54 -0.48
N TYR A 20 -1.93 -5.20 -1.51
CA TYR A 20 -2.06 -4.78 -2.91
C TYR A 20 -2.11 -5.96 -3.90
N SER A 21 -2.82 -5.77 -5.02
CA SER A 21 -2.98 -6.76 -6.07
C SER A 21 -2.46 -6.28 -7.41
N CYS A 22 -2.09 -7.22 -8.27
CA CYS A 22 -1.48 -6.91 -9.56
C CYS A 22 -2.01 -7.87 -10.64
N VAL A 23 -2.37 -7.36 -11.84
CA VAL A 23 -2.87 -8.20 -12.93
C VAL A 23 -1.95 -8.03 -14.14
N GLY A 24 -1.68 -9.12 -14.81
CA GLY A 24 -0.86 -9.10 -16.00
C GLY A 24 -1.45 -9.91 -17.13
N VAL A 25 -1.04 -9.60 -18.35
CA VAL A 25 -1.46 -10.30 -19.57
C VAL A 25 -0.27 -10.48 -20.50
N PHE A 26 -0.12 -11.68 -21.06
CA PHE A 26 0.91 -11.94 -22.05
C PHE A 26 0.27 -11.68 -23.42
N GLN A 27 0.81 -10.70 -24.14
CA GLN A 27 0.36 -10.33 -25.48
C GLN A 27 1.55 -9.94 -26.32
N HIS A 28 1.52 -10.26 -27.61
CA HIS A 28 2.57 -9.87 -28.55
C HIS A 28 4.00 -10.17 -28.11
N GLY A 29 4.20 -11.37 -27.59
CA GLY A 29 5.51 -11.85 -27.16
C GLY A 29 6.04 -11.47 -25.78
N LYS A 30 5.33 -10.60 -25.04
CA LYS A 30 5.76 -10.18 -23.69
C LYS A 30 4.61 -9.98 -22.70
N VAL A 31 4.94 -9.91 -21.39
CA VAL A 31 3.95 -9.66 -20.33
C VAL A 31 3.78 -8.15 -20.17
N GLU A 32 2.53 -7.72 -20.12
CA GLU A 32 2.23 -6.32 -19.88
C GLU A 32 1.50 -6.27 -18.55
N ILE A 33 2.02 -5.48 -17.62
CA ILE A 33 1.36 -5.34 -16.32
C ILE A 33 0.34 -4.24 -16.57
N ILE A 34 -0.91 -4.51 -16.23
CA ILE A 34 -1.99 -3.57 -16.49
C ILE A 34 -2.26 -2.50 -15.41
N ALA A 35 -2.22 -1.24 -15.84
CA ALA A 35 -2.47 -0.09 -14.99
C ALA A 35 -3.98 0.01 -14.74
N ASN A 36 -4.38 0.37 -13.51
CA ASN A 36 -5.78 0.53 -13.16
C ASN A 36 -6.33 1.91 -13.64
N ASP A 37 -7.59 2.25 -13.29
CA ASP A 37 -8.25 3.51 -13.66
C ASP A 37 -7.47 4.78 -13.23
N GLN A 38 -6.65 4.67 -12.16
CA GLN A 38 -5.83 5.77 -11.64
C GLN A 38 -4.40 5.77 -12.20
N GLY A 39 -4.14 4.87 -13.15
CA GLY A 39 -2.83 4.72 -13.78
C GLY A 39 -1.82 3.95 -12.93
N ASN A 40 -2.29 3.30 -11.85
CA ASN A 40 -1.43 2.53 -10.97
C ASN A 40 -1.32 1.07 -11.40
N ARG A 41 -0.08 0.55 -11.44
CA ARG A 41 0.25 -0.82 -11.83
C ARG A 41 -0.08 -1.85 -10.74
N THR A 42 -0.29 -1.41 -9.49
CA THR A 42 -0.77 -2.26 -8.39
C THR A 42 -2.01 -1.59 -7.80
N THR A 43 -2.98 -2.38 -7.34
CA THR A 43 -4.22 -1.86 -6.76
C THR A 43 -4.39 -2.30 -5.29
N PRO A 44 -4.70 -1.38 -4.35
CA PRO A 44 -4.90 -1.79 -2.96
C PRO A 44 -5.98 -2.85 -2.76
N SER A 45 -5.69 -3.85 -1.94
CA SER A 45 -6.63 -4.94 -1.64
C SER A 45 -7.53 -4.45 -0.50
N TYR A 46 -8.26 -3.36 -0.80
CA TYR A 46 -9.10 -2.59 0.12
C TYR A 46 -10.51 -2.52 -0.41
N VAL A 47 -11.49 -2.74 0.48
CA VAL A 47 -12.92 -2.66 0.20
C VAL A 47 -13.53 -1.75 1.31
N ALA A 48 -14.21 -0.68 0.89
CA ALA A 48 -14.81 0.28 1.80
C ALA A 48 -16.33 0.29 1.67
N PHE A 49 -17.03 0.23 2.82
CA PHE A 49 -18.49 0.22 2.91
C PHE A 49 -18.91 1.57 3.47
N THR A 50 -19.61 2.38 2.66
CA THR A 50 -20.04 3.73 3.07
C THR A 50 -21.54 3.79 3.30
N ASP A 51 -22.03 5.00 3.58
CA ASP A 51 -23.44 5.22 3.76
C ASP A 51 -24.25 5.00 2.48
N THR A 52 -23.65 5.25 1.33
CA THR A 52 -24.34 5.17 0.05
C THR A 52 -23.74 4.22 -1.00
N GLU A 53 -22.47 3.77 -0.84
CA GLU A 53 -21.84 2.91 -1.85
C GLU A 53 -20.77 1.94 -1.29
N ARG A 54 -20.15 1.16 -2.20
CA ARG A 54 -19.09 0.20 -1.96
C ARG A 54 -17.92 0.58 -2.87
N LEU A 55 -16.77 0.85 -2.26
CA LEU A 55 -15.60 1.24 -2.99
C LEU A 55 -14.52 0.17 -2.93
N ILE A 56 -13.82 -0.03 -4.04
CA ILE A 56 -12.76 -1.01 -4.13
C ILE A 56 -11.53 -0.40 -4.73
N GLY A 57 -10.36 -0.81 -4.25
CA GLY A 57 -9.10 -0.30 -4.75
C GLY A 57 -8.73 1.09 -4.27
N ASP A 58 -8.03 1.81 -5.11
CA ASP A 58 -7.58 3.17 -4.80
C ASP A 58 -8.64 4.04 -4.16
N ALA A 59 -9.90 3.94 -4.63
CA ALA A 59 -11.02 4.70 -4.06
C ALA A 59 -11.26 4.29 -2.60
N ALA A 60 -11.01 3.01 -2.25
CA ALA A 60 -11.19 2.55 -0.88
C ALA A 60 -10.06 3.05 0.05
N LYS A 61 -8.79 2.90 -0.36
CA LYS A 61 -7.67 3.37 0.44
C LYS A 61 -7.66 4.90 0.58
N ASN A 62 -8.12 5.65 -0.44
CA ASN A 62 -8.12 7.12 -0.40
C ASN A 62 -9.11 7.72 0.63
N GLN A 63 -9.99 6.91 1.25
CA GLN A 63 -10.91 7.36 2.30
C GLN A 63 -10.76 6.59 3.62
N VAL A 64 -9.61 5.89 3.79
CA VAL A 64 -9.34 5.10 5.00
C VAL A 64 -9.32 5.98 6.28
N ALA A 65 -8.73 7.18 6.20
CA ALA A 65 -8.65 8.14 7.32
C ALA A 65 -10.03 8.67 7.71
N MET A 66 -10.96 8.71 6.74
CA MET A 66 -12.32 9.22 6.92
C MET A 66 -13.29 8.19 7.44
N ASN A 67 -13.02 6.92 7.14
CA ASN A 67 -13.91 5.83 7.49
C ASN A 67 -13.13 4.58 7.87
N PRO A 68 -12.38 4.63 8.97
CA PRO A 68 -11.56 3.48 9.39
C PRO A 68 -12.26 2.19 9.80
N THR A 69 -13.38 2.26 10.51
CA THR A 69 -14.09 1.07 10.95
C THR A 69 -14.78 0.22 9.88
N ASN A 70 -15.08 0.83 8.75
CA ASN A 70 -15.79 0.15 7.65
C ASN A 70 -14.98 0.01 6.36
N THR A 71 -13.64 0.18 6.44
CA THR A 71 -12.69 -0.01 5.33
C THR A 71 -11.86 -1.26 5.68
N VAL A 72 -12.11 -2.33 4.94
CA VAL A 72 -11.48 -3.64 5.15
C VAL A 72 -10.29 -3.82 4.21
N PHE A 73 -9.23 -4.42 4.75
CA PHE A 73 -7.99 -4.79 4.06
C PHE A 73 -7.46 -6.05 4.76
N ASP A 74 -6.36 -6.65 4.26
CA ASP A 74 -5.75 -7.86 4.88
C ASP A 74 -6.68 -9.08 4.94
N ALA A 75 -7.73 -9.14 4.08
CA ALA A 75 -8.64 -10.29 4.05
C ALA A 75 -7.88 -11.58 3.79
N LYS A 76 -6.70 -11.47 3.14
CA LYS A 76 -5.79 -12.58 2.83
C LYS A 76 -5.25 -13.20 4.12
N ARG A 77 -5.11 -12.38 5.19
CA ARG A 77 -4.67 -12.87 6.49
C ARG A 77 -5.79 -13.71 7.15
N LEU A 78 -7.07 -13.58 6.68
CA LEU A 78 -8.22 -14.29 7.25
C LEU A 78 -8.71 -15.46 6.42
N ILE A 79 -8.61 -15.36 5.07
CA ILE A 79 -9.10 -16.31 4.08
C ILE A 79 -8.69 -17.78 4.36
N GLY A 80 -9.71 -18.62 4.48
CA GLY A 80 -9.60 -20.05 4.74
C GLY A 80 -9.20 -20.43 6.15
N ARG A 81 -9.32 -19.49 7.10
CA ARG A 81 -8.92 -19.78 8.47
C ARG A 81 -10.12 -19.91 9.39
N ARG A 82 -9.96 -20.64 10.52
CA ARG A 82 -10.98 -20.77 11.56
C ARG A 82 -10.84 -19.51 12.43
N PHE A 83 -11.91 -19.13 13.16
CA PHE A 83 -11.90 -17.93 14.00
C PHE A 83 -10.84 -18.02 15.11
N ASP A 84 -10.70 -19.21 15.69
CA ASP A 84 -9.80 -19.50 16.80
C ASP A 84 -8.33 -19.66 16.42
N ASP A 85 -8.03 -19.55 15.13
CA ASP A 85 -6.69 -19.65 14.61
C ASP A 85 -5.87 -18.54 15.29
N ALA A 86 -4.64 -18.84 15.67
CA ALA A 86 -3.79 -17.88 16.39
C ALA A 86 -3.52 -16.62 15.59
N VAL A 87 -3.35 -16.80 14.29
CA VAL A 87 -3.11 -15.70 13.35
C VAL A 87 -4.28 -14.70 13.37
N VAL A 88 -5.54 -15.20 13.33
CA VAL A 88 -6.76 -14.38 13.34
C VAL A 88 -6.86 -13.62 14.67
N GLN A 89 -6.63 -14.31 15.79
CA GLN A 89 -6.72 -13.75 17.14
C GLN A 89 -5.69 -12.66 17.41
N SER A 90 -4.48 -12.83 16.87
CA SER A 90 -3.39 -11.87 17.02
C SER A 90 -3.61 -10.64 16.16
N ASP A 91 -3.96 -10.88 14.89
CA ASP A 91 -4.21 -9.85 13.90
C ASP A 91 -5.36 -8.90 14.23
N MET A 92 -6.39 -9.42 14.87
CA MET A 92 -7.60 -8.67 15.20
C MET A 92 -7.40 -7.42 16.05
N LYS A 93 -6.46 -7.46 16.98
CA LYS A 93 -6.19 -6.34 17.86
C LYS A 93 -5.77 -5.12 17.05
N HIS A 94 -5.00 -5.38 16.00
CA HIS A 94 -4.48 -4.36 15.09
C HIS A 94 -5.46 -3.65 14.14
N TRP A 95 -6.50 -4.36 13.73
CA TRP A 95 -7.45 -3.87 12.74
C TRP A 95 -8.51 -2.95 13.31
N PRO A 96 -8.86 -1.86 12.59
CA PRO A 96 -9.91 -0.95 13.10
C PRO A 96 -11.34 -1.46 12.86
N PHE A 97 -11.52 -2.47 11.98
CA PHE A 97 -12.80 -3.08 11.63
C PHE A 97 -13.08 -4.32 12.49
N MET A 98 -14.37 -4.62 12.73
CA MET A 98 -14.84 -5.75 13.55
C MET A 98 -14.66 -7.11 12.84
N VAL A 99 -14.22 -8.13 13.61
CA VAL A 99 -14.07 -9.52 13.17
C VAL A 99 -14.90 -10.37 14.14
N VAL A 100 -16.03 -10.92 13.64
CA VAL A 100 -16.96 -11.75 14.42
C VAL A 100 -16.81 -13.25 14.13
N ASN A 101 -17.32 -14.08 15.05
CA ASN A 101 -17.30 -15.53 14.94
C ASN A 101 -18.65 -16.06 14.46
N ASP A 102 -18.68 -16.58 13.21
CA ASP A 102 -19.87 -17.20 12.62
C ASP A 102 -19.67 -18.72 12.60
N ALA A 103 -20.08 -19.38 13.71
CA ALA A 103 -19.97 -20.82 13.95
C ALA A 103 -18.59 -21.39 13.63
N GLY A 104 -17.56 -20.76 14.18
CA GLY A 104 -16.17 -21.17 14.00
C GLY A 104 -15.40 -20.49 12.87
N ARG A 105 -16.10 -19.77 11.98
CA ARG A 105 -15.49 -19.07 10.85
C ARG A 105 -15.48 -17.55 11.07
N PRO A 106 -14.37 -16.84 10.75
CA PRO A 106 -14.39 -15.38 10.94
C PRO A 106 -15.17 -14.67 9.85
N LYS A 107 -15.77 -13.53 10.21
CA LYS A 107 -16.51 -12.66 9.31
C LYS A 107 -16.17 -11.22 9.65
N VAL A 108 -15.93 -10.38 8.63
CA VAL A 108 -15.70 -8.96 8.87
C VAL A 108 -17.08 -8.31 9.05
N GLN A 109 -17.29 -7.57 10.15
CA GLN A 109 -18.58 -6.91 10.41
C GLN A 109 -18.41 -5.42 10.14
N VAL A 110 -19.22 -4.88 9.21
CA VAL A 110 -19.19 -3.46 8.79
C VAL A 110 -20.59 -2.82 8.81
N GLU A 111 -20.63 -1.47 8.68
CA GLU A 111 -21.83 -0.67 8.52
C GLU A 111 -21.88 -0.30 7.02
N TYR A 112 -22.91 -0.80 6.32
CA TYR A 112 -23.11 -0.62 4.88
C TYR A 112 -24.56 -0.21 4.59
N LYS A 113 -24.75 1.04 4.11
CA LYS A 113 -26.05 1.65 3.78
C LYS A 113 -27.04 1.64 4.97
N GLY A 114 -26.55 2.13 6.11
CA GLY A 114 -27.30 2.23 7.37
C GLY A 114 -27.54 0.91 8.09
N GLU A 115 -27.01 -0.20 7.55
CA GLU A 115 -27.21 -1.53 8.12
C GLU A 115 -25.91 -2.20 8.52
N THR A 116 -25.95 -2.98 9.62
CA THR A 116 -24.82 -3.78 10.11
C THR A 116 -24.82 -5.07 9.28
N LYS A 117 -23.74 -5.30 8.51
CA LYS A 117 -23.59 -6.47 7.62
C LYS A 117 -22.26 -7.16 7.83
N SER A 118 -22.27 -8.49 7.77
CA SER A 118 -21.06 -9.29 7.93
C SER A 118 -20.73 -10.03 6.63
N PHE A 119 -19.42 -10.10 6.29
CA PHE A 119 -18.92 -10.75 5.08
C PHE A 119 -17.81 -11.76 5.40
N TYR A 120 -17.74 -12.85 4.63
CA TYR A 120 -16.70 -13.86 4.76
C TYR A 120 -15.41 -13.33 4.09
N PRO A 121 -14.20 -13.80 4.51
CA PRO A 121 -12.98 -13.34 3.84
C PRO A 121 -12.92 -13.60 2.34
N GLU A 122 -13.53 -14.69 1.83
CA GLU A 122 -13.57 -14.99 0.38
C GLU A 122 -14.50 -14.07 -0.40
N GLU A 123 -15.52 -13.51 0.28
CA GLU A 123 -16.45 -12.55 -0.32
C GLU A 123 -15.70 -11.25 -0.53
N VAL A 124 -14.90 -10.81 0.47
CA VAL A 124 -14.09 -9.59 0.40
C VAL A 124 -13.07 -9.74 -0.73
N SER A 125 -12.34 -10.87 -0.75
CA SER A 125 -11.35 -11.14 -1.80
C SER A 125 -12.00 -11.25 -3.19
N SER A 126 -13.29 -11.68 -3.28
CA SER A 126 -13.98 -11.79 -4.56
C SER A 126 -14.23 -10.40 -5.13
N MET A 127 -14.52 -9.42 -4.26
CA MET A 127 -14.73 -8.02 -4.63
C MET A 127 -13.42 -7.44 -5.19
N VAL A 128 -12.27 -7.80 -4.57
CA VAL A 128 -10.93 -7.38 -5.00
C VAL A 128 -10.64 -8.04 -6.37
N LEU A 129 -10.96 -9.33 -6.51
CA LEU A 129 -10.80 -10.07 -7.76
C LEU A 129 -11.67 -9.48 -8.88
N THR A 130 -12.91 -9.10 -8.58
CA THR A 130 -13.81 -8.45 -9.54
C THR A 130 -13.12 -7.17 -10.09
N LYS A 131 -12.55 -6.35 -9.19
CA LYS A 131 -11.84 -5.13 -9.57
C LYS A 131 -10.65 -5.45 -10.49
N MET A 132 -9.85 -6.49 -10.13
CA MET A 132 -8.69 -6.90 -10.94
C MET A 132 -9.10 -7.32 -12.35
N LYS A 133 -10.25 -8.02 -12.46
CA LYS A 133 -10.88 -8.49 -13.71
C LYS A 133 -11.31 -7.27 -14.53
N GLU A 134 -11.98 -6.29 -13.89
CA GLU A 134 -12.46 -5.08 -14.57
C GLU A 134 -11.31 -4.22 -15.12
N ILE A 135 -10.17 -4.21 -14.41
CA ILE A 135 -8.96 -3.44 -14.78
C ILE A 135 -8.44 -3.97 -16.12
N ALA A 136 -8.34 -5.31 -16.23
CA ALA A 136 -7.91 -6.00 -17.43
C ALA A 136 -8.88 -5.80 -18.58
N GLU A 137 -10.21 -5.84 -18.30
CA GLU A 137 -11.25 -5.61 -19.31
C GLU A 137 -11.24 -4.17 -19.80
N ALA A 138 -10.88 -3.21 -18.93
CA ALA A 138 -10.80 -1.78 -19.27
C ALA A 138 -9.64 -1.52 -20.25
N TYR A 139 -8.49 -2.22 -20.06
CA TYR A 139 -7.32 -2.08 -20.91
C TYR A 139 -7.43 -2.80 -22.27
N LEU A 140 -7.81 -4.09 -22.23
CA LEU A 140 -7.93 -4.95 -23.41
C LEU A 140 -9.14 -4.66 -24.25
N GLY A 141 -10.17 -4.09 -23.64
CA GLY A 141 -11.43 -3.79 -24.31
C GLY A 141 -12.17 -5.04 -24.74
N LYS A 142 -11.94 -6.16 -24.01
CA LYS A 142 -12.56 -7.46 -24.28
C LYS A 142 -12.96 -8.07 -22.93
N THR A 143 -13.90 -9.04 -22.93
CA THR A 143 -14.32 -9.70 -21.70
C THR A 143 -13.24 -10.65 -21.23
N VAL A 144 -12.92 -10.62 -19.94
CA VAL A 144 -11.92 -11.46 -19.31
C VAL A 144 -12.63 -12.41 -18.37
N THR A 145 -12.45 -13.72 -18.58
CA THR A 145 -13.07 -14.80 -17.81
C THR A 145 -12.02 -15.73 -17.17
N ASN A 146 -10.95 -16.06 -17.92
CA ASN A 146 -9.92 -16.99 -17.44
C ASN A 146 -8.77 -16.33 -16.71
N ALA A 147 -8.39 -16.91 -15.56
CA ALA A 147 -7.31 -16.38 -14.73
C ALA A 147 -6.55 -17.42 -13.93
N VAL A 148 -5.25 -17.19 -13.80
CA VAL A 148 -4.35 -17.93 -12.92
C VAL A 148 -4.21 -16.99 -11.70
N VAL A 149 -4.55 -17.49 -10.49
CA VAL A 149 -4.48 -16.73 -9.24
C VAL A 149 -3.40 -17.34 -8.36
N THR A 150 -2.48 -16.51 -7.81
CA THR A 150 -1.40 -17.01 -6.96
C THR A 150 -1.77 -17.03 -5.47
N VAL A 151 -1.12 -17.92 -4.70
CA VAL A 151 -1.29 -18.05 -3.24
C VAL A 151 0.08 -18.28 -2.57
N PRO A 152 0.31 -17.90 -1.29
CA PRO A 152 1.59 -18.25 -0.64
C PRO A 152 1.77 -19.77 -0.56
N ALA A 153 3.02 -20.24 -0.63
CA ALA A 153 3.36 -21.67 -0.56
C ALA A 153 2.88 -22.36 0.73
N TYR A 154 2.86 -21.65 1.87
CA TYR A 154 2.44 -22.26 3.15
C TYR A 154 0.92 -22.42 3.31
N PHE A 155 0.13 -21.87 2.37
CA PHE A 155 -1.33 -21.96 2.39
C PHE A 155 -1.80 -23.42 2.44
N ASN A 156 -2.67 -23.77 3.42
CA ASN A 156 -3.18 -25.14 3.52
C ASN A 156 -4.35 -25.37 2.52
N ASP A 157 -5.02 -26.54 2.57
CA ASP A 157 -6.14 -26.88 1.70
C ASP A 157 -7.29 -25.89 1.81
N SER A 158 -7.67 -25.52 3.05
CA SER A 158 -8.77 -24.60 3.32
C SER A 158 -8.51 -23.20 2.77
N GLN A 159 -7.26 -22.69 2.91
CA GLN A 159 -6.87 -21.38 2.41
C GLN A 159 -6.84 -21.36 0.86
N ARG A 160 -6.38 -22.46 0.24
CA ARG A 160 -6.33 -22.63 -1.22
C ARG A 160 -7.73 -22.65 -1.83
N GLN A 161 -8.63 -23.47 -1.24
CA GLN A 161 -10.02 -23.58 -1.70
C GLN A 161 -10.78 -22.28 -1.49
N ALA A 162 -10.52 -21.57 -0.37
CA ALA A 162 -11.20 -20.31 -0.14
C ALA A 162 -10.78 -19.27 -1.19
N THR A 163 -9.51 -19.33 -1.69
CA THR A 163 -9.03 -18.45 -2.76
C THR A 163 -9.70 -18.80 -4.08
N LYS A 164 -9.85 -20.10 -4.39
CA LYS A 164 -10.55 -20.55 -5.61
C LYS A 164 -12.02 -20.07 -5.58
N ASP A 165 -12.69 -20.18 -4.41
CA ASP A 165 -14.08 -19.75 -4.19
C ASP A 165 -14.21 -18.24 -4.43
N ALA A 166 -13.21 -17.42 -3.99
CA ALA A 166 -13.21 -15.97 -4.24
C ALA A 166 -13.21 -15.71 -5.76
N GLY A 167 -12.43 -16.49 -6.52
CA GLY A 167 -12.38 -16.43 -7.98
C GLY A 167 -13.72 -16.75 -8.62
N THR A 168 -14.34 -17.86 -8.19
CA THR A 168 -15.65 -18.31 -8.65
C THR A 168 -16.76 -17.25 -8.38
N ILE A 169 -16.81 -16.69 -7.15
CA ILE A 169 -17.80 -15.67 -6.76
C ILE A 169 -17.68 -14.41 -7.67
N ALA A 170 -16.45 -14.08 -8.09
CA ALA A 170 -16.11 -12.93 -8.96
C ALA A 170 -16.44 -13.17 -10.44
N GLY A 171 -16.87 -14.38 -10.78
CA GLY A 171 -17.22 -14.75 -12.14
C GLY A 171 -16.01 -15.15 -12.96
N LEU A 172 -14.88 -15.44 -12.29
CA LEU A 172 -13.69 -15.87 -13.00
C LEU A 172 -13.65 -17.39 -13.08
N ASN A 173 -13.07 -17.88 -14.15
CA ASN A 173 -12.78 -19.29 -14.36
C ASN A 173 -11.31 -19.40 -13.92
N VAL A 174 -11.08 -19.88 -12.68
CA VAL A 174 -9.74 -20.03 -12.10
C VAL A 174 -9.08 -21.27 -12.72
N LEU A 175 -8.32 -21.04 -13.82
CA LEU A 175 -7.63 -22.09 -14.58
C LEU A 175 -6.66 -22.87 -13.70
N ARG A 176 -5.94 -22.15 -12.84
CA ARG A 176 -4.98 -22.75 -11.95
C ARG A 176 -4.67 -21.83 -10.79
N ILE A 177 -4.32 -22.42 -9.66
CA ILE A 177 -3.93 -21.69 -8.47
C ILE A 177 -2.49 -22.12 -8.38
N ILE A 178 -1.56 -21.18 -8.32
CA ILE A 178 -0.16 -21.56 -8.24
C ILE A 178 0.53 -20.86 -7.07
N ASN A 179 1.61 -21.47 -6.58
CA ASN A 179 2.34 -20.88 -5.45
C ASN A 179 3.03 -19.59 -5.92
N GLU A 180 3.07 -18.55 -5.07
CA GLU A 180 3.74 -17.28 -5.38
C GLU A 180 5.23 -17.49 -5.71
N PRO A 181 6.05 -18.26 -4.93
CA PRO A 181 7.44 -18.52 -5.34
C PRO A 181 7.60 -19.29 -6.66
N THR A 182 6.61 -20.11 -7.03
CA THR A 182 6.61 -20.83 -8.31
C THR A 182 6.40 -19.80 -9.44
N ALA A 183 5.43 -18.87 -9.28
CA ALA A 183 5.15 -17.78 -10.23
C ALA A 183 6.41 -16.94 -10.45
N ALA A 184 7.10 -16.55 -9.36
CA ALA A 184 8.34 -15.75 -9.41
C ALA A 184 9.44 -16.52 -10.16
N ALA A 185 9.51 -17.86 -9.96
CA ALA A 185 10.51 -18.68 -10.65
C ALA A 185 10.22 -18.75 -12.15
N ILE A 186 8.92 -18.87 -12.53
CA ILE A 186 8.44 -18.92 -13.92
C ILE A 186 8.74 -17.59 -14.63
N ALA A 187 8.57 -16.43 -13.93
CA ALA A 187 8.86 -15.11 -14.47
C ALA A 187 10.31 -14.99 -14.97
N TYR A 188 11.26 -15.67 -14.28
CA TYR A 188 12.69 -15.66 -14.64
C TYR A 188 13.16 -16.86 -15.49
N GLY A 189 12.24 -17.77 -15.84
CA GLY A 189 12.52 -18.95 -16.64
C GLY A 189 13.49 -19.92 -15.98
N LEU A 190 13.37 -20.09 -14.65
CA LEU A 190 14.27 -20.97 -13.90
C LEU A 190 13.97 -22.47 -14.16
N ASP A 191 12.77 -22.80 -14.66
CA ASP A 191 12.36 -24.16 -15.04
C ASP A 191 12.89 -24.53 -16.44
N LYS A 192 13.33 -23.53 -17.22
CA LYS A 192 13.83 -23.69 -18.59
C LYS A 192 15.36 -23.80 -18.64
N LYS A 193 16.04 -23.77 -17.47
CA LYS A 193 17.49 -23.87 -17.42
C LYS A 193 17.97 -25.31 -17.53
N VAL A 194 18.99 -25.54 -18.38
CA VAL A 194 19.55 -26.85 -18.65
C VAL A 194 20.52 -27.33 -17.57
N GLY A 195 20.30 -28.55 -17.09
CA GLY A 195 21.13 -29.21 -16.09
C GLY A 195 20.36 -30.13 -15.17
N ALA A 196 20.91 -30.38 -13.96
CA ALA A 196 20.31 -31.22 -12.93
C ALA A 196 19.26 -30.40 -12.13
N GLU A 197 18.74 -30.95 -11.01
CA GLU A 197 17.76 -30.26 -10.18
C GLU A 197 18.31 -28.91 -9.71
N ARG A 198 17.48 -27.87 -9.83
CA ARG A 198 17.85 -26.50 -9.52
C ARG A 198 17.24 -26.03 -8.20
N ASN A 199 18.09 -25.59 -7.25
CA ASN A 199 17.66 -25.10 -5.94
C ASN A 199 17.54 -23.61 -5.97
N VAL A 200 16.34 -23.14 -5.72
CA VAL A 200 15.98 -21.74 -5.83
C VAL A 200 15.48 -21.16 -4.51
N LEU A 201 15.97 -19.96 -4.16
CA LEU A 201 15.53 -19.19 -2.99
C LEU A 201 14.76 -17.95 -3.50
N ILE A 202 13.51 -17.84 -3.07
CA ILE A 202 12.66 -16.69 -3.37
C ILE A 202 12.62 -15.86 -2.09
N PHE A 203 13.13 -14.62 -2.17
CA PHE A 203 13.16 -13.66 -1.06
C PHE A 203 12.07 -12.62 -1.33
N ASP A 204 10.96 -12.75 -0.61
CA ASP A 204 9.75 -11.95 -0.79
C ASP A 204 9.54 -10.98 0.38
N LEU A 205 9.87 -9.71 0.16
CA LEU A 205 9.66 -8.67 1.18
C LEU A 205 8.79 -7.56 0.60
N GLY A 206 7.48 -7.75 0.67
CA GLY A 206 6.49 -6.81 0.12
C GLY A 206 5.11 -6.94 0.74
N GLY A 207 4.37 -5.84 0.71
CA GLY A 207 3.01 -5.75 1.24
C GLY A 207 2.79 -5.94 2.74
N GLY A 208 3.85 -5.88 3.54
CA GLY A 208 3.76 -6.03 5.00
C GLY A 208 4.03 -7.42 5.54
N THR A 209 4.45 -8.35 4.65
CA THR A 209 4.83 -9.72 5.00
C THR A 209 6.23 -10.00 4.45
N PHE A 210 6.93 -10.95 5.08
CA PHE A 210 8.24 -11.42 4.65
C PHE A 210 8.19 -12.94 4.51
N ASP A 211 8.37 -13.43 3.29
CA ASP A 211 8.32 -14.86 3.08
C ASP A 211 9.53 -15.31 2.32
N VAL A 212 10.23 -16.33 2.87
CA VAL A 212 11.36 -16.98 2.23
C VAL A 212 10.90 -18.42 1.92
N SER A 213 11.10 -18.86 0.67
CA SER A 213 10.76 -20.21 0.23
C SER A 213 11.94 -20.80 -0.49
N ILE A 214 12.18 -22.11 -0.30
CA ILE A 214 13.22 -22.87 -0.98
C ILE A 214 12.49 -23.85 -1.90
N LEU A 215 12.81 -23.78 -3.20
CA LEU A 215 12.21 -24.62 -4.23
C LEU A 215 13.26 -25.49 -4.90
N THR A 216 12.85 -26.66 -5.40
CA THR A 216 13.69 -27.57 -6.17
C THR A 216 12.98 -27.82 -7.49
N ILE A 217 13.58 -27.41 -8.62
CA ILE A 217 12.98 -27.65 -9.94
C ILE A 217 13.75 -28.70 -10.69
N GLU A 218 13.11 -29.84 -10.91
CA GLU A 218 13.66 -30.98 -11.61
C GLU A 218 12.64 -31.42 -12.63
N ASP A 219 13.03 -31.42 -13.93
CA ASP A 219 12.18 -31.82 -15.05
C ASP A 219 10.80 -31.13 -15.03
N GLY A 220 10.80 -29.83 -14.68
CA GLY A 220 9.61 -29.00 -14.61
C GLY A 220 8.72 -29.13 -13.39
N ILE A 221 9.08 -30.02 -12.46
CA ILE A 221 8.31 -30.23 -11.24
C ILE A 221 8.87 -29.33 -10.16
N PHE A 222 8.03 -28.40 -9.65
CA PHE A 222 8.43 -27.51 -8.58
C PHE A 222 8.17 -28.25 -7.26
N GLU A 223 9.10 -28.16 -6.33
CA GLU A 223 8.97 -28.81 -5.03
C GLU A 223 9.29 -27.80 -3.96
N VAL A 224 8.34 -27.54 -3.07
CA VAL A 224 8.49 -26.63 -1.94
C VAL A 224 9.20 -27.44 -0.84
N LYS A 225 10.50 -27.17 -0.65
CA LYS A 225 11.32 -27.87 0.34
C LYS A 225 11.09 -27.27 1.72
N SER A 226 10.96 -25.94 1.80
CA SER A 226 10.73 -25.25 3.07
C SER A 226 10.20 -23.85 2.85
N THR A 227 9.59 -23.28 3.91
CA THR A 227 9.07 -21.92 3.98
C THR A 227 9.47 -21.35 5.33
N ALA A 228 9.81 -20.06 5.39
CA ALA A 228 10.14 -19.33 6.63
C ALA A 228 9.78 -17.87 6.43
N GLY A 229 9.87 -17.07 7.50
CA GLY A 229 9.58 -15.64 7.40
C GLY A 229 8.97 -14.98 8.62
N ASP A 230 8.53 -13.74 8.42
CA ASP A 230 7.90 -12.89 9.43
C ASP A 230 6.58 -12.36 8.83
N THR A 231 5.44 -12.66 9.47
CA THR A 231 4.12 -12.27 8.98
C THR A 231 3.86 -10.76 9.05
N HIS A 232 4.54 -10.07 9.97
CA HIS A 232 4.40 -8.64 10.15
C HIS A 232 5.75 -7.97 10.09
N LEU A 233 6.23 -7.74 8.87
CA LEU A 233 7.52 -7.08 8.58
C LEU A 233 7.50 -6.52 7.17
N GLY A 234 7.76 -5.23 7.06
CA GLY A 234 7.83 -4.58 5.76
C GLY A 234 8.23 -3.13 5.77
N GLY A 235 7.88 -2.45 4.68
CA GLY A 235 8.17 -1.05 4.45
C GLY A 235 7.64 -0.12 5.50
N GLU A 236 6.47 -0.45 6.12
CA GLU A 236 5.85 0.36 7.20
C GLU A 236 6.79 0.49 8.39
N ASP A 237 7.48 -0.62 8.73
CA ASP A 237 8.44 -0.67 9.82
C ASP A 237 9.67 0.18 9.49
N PHE A 238 10.11 0.17 8.24
CA PHE A 238 11.26 0.98 7.86
C PHE A 238 10.90 2.48 7.98
N ASP A 239 9.68 2.82 7.59
CA ASP A 239 9.17 4.18 7.69
C ASP A 239 9.05 4.64 9.15
N ASN A 240 8.60 3.75 10.03
CA ASN A 240 8.42 4.04 11.44
C ASN A 240 9.76 4.41 12.09
N ARG A 241 10.82 3.72 11.71
CA ARG A 241 12.17 4.01 12.23
C ARG A 241 12.65 5.39 11.77
N MET A 242 12.32 5.79 10.54
CA MET A 242 12.63 7.13 10.05
C MET A 242 11.83 8.20 10.82
N VAL A 243 10.55 7.93 11.06
CA VAL A 243 9.68 8.85 11.82
C VAL A 243 10.27 9.08 13.25
N ASN A 244 10.74 8.01 13.89
CA ASN A 244 11.33 8.09 15.21
C ASN A 244 12.57 8.97 15.21
N HIS A 245 13.36 8.84 14.16
CA HIS A 245 14.57 9.60 13.98
C HIS A 245 14.25 11.09 13.85
N PHE A 246 13.25 11.41 13.04
CA PHE A 246 12.83 12.80 12.85
C PHE A 246 12.16 13.45 14.06
N ILE A 247 11.34 12.67 14.77
CA ILE A 247 10.68 13.16 15.97
C ILE A 247 11.74 13.48 17.01
N ALA A 248 12.76 12.64 17.11
CA ALA A 248 13.86 12.88 18.06
C ALA A 248 14.65 14.12 17.66
N GLU A 249 14.97 14.27 16.34
CA GLU A 249 15.66 15.44 15.80
C GLU A 249 14.91 16.76 16.12
N PHE A 250 13.56 16.77 15.94
CA PHE A 250 12.71 17.92 16.26
C PHE A 250 12.76 18.24 17.77
N LYS A 251 12.73 17.22 18.65
CA LYS A 251 12.86 17.48 20.09
C LYS A 251 14.24 18.12 20.42
N ARG A 252 15.33 17.65 19.78
CA ARG A 252 16.67 18.20 19.98
C ARG A 252 16.81 19.63 19.48
N LYS A 253 16.31 19.92 18.28
CA LYS A 253 16.44 21.26 17.71
C LYS A 253 15.44 22.25 18.29
N HIS A 254 14.20 21.84 18.51
CA HIS A 254 13.16 22.74 19.01
C HIS A 254 12.57 22.54 20.42
N LYS A 255 12.97 21.49 21.12
CA LYS A 255 12.47 21.19 22.47
C LYS A 255 10.92 21.11 22.46
N LYS A 256 10.40 20.45 21.43
CA LYS A 256 8.97 20.25 21.21
C LYS A 256 8.71 18.86 20.74
N ASP A 257 7.68 18.23 21.32
CA ASP A 257 7.30 16.84 21.00
C ASP A 257 6.10 16.88 20.07
N ILE A 258 6.27 16.45 18.82
CA ILE A 258 5.20 16.47 17.81
C ILE A 258 4.38 15.18 17.80
N SER A 259 4.82 14.13 18.56
CA SER A 259 4.24 12.79 18.47
C SER A 259 2.73 12.66 18.81
N GLU A 260 2.14 13.60 19.57
CA GLU A 260 0.70 13.50 19.87
C GLU A 260 -0.20 14.31 18.90
N ASN A 261 0.40 15.00 17.90
CA ASN A 261 -0.37 15.70 16.87
C ASN A 261 -0.38 14.74 15.67
N LYS A 262 -1.51 14.04 15.45
CA LYS A 262 -1.64 13.04 14.41
C LYS A 262 -1.35 13.58 13.01
N ARG A 263 -1.78 14.82 12.72
CA ARG A 263 -1.55 15.41 11.40
C ARG A 263 -0.09 15.72 11.18
N ALA A 264 0.62 16.25 12.20
CA ALA A 264 2.06 16.50 12.09
C ALA A 264 2.77 15.16 11.84
N VAL A 265 2.43 14.12 12.61
CA VAL A 265 3.04 12.78 12.42
C VAL A 265 2.77 12.25 11.01
N ARG A 266 1.55 12.40 10.51
CA ARG A 266 1.18 11.92 9.16
C ARG A 266 2.00 12.63 8.10
N ARG A 267 2.16 13.97 8.21
CA ARG A 267 2.93 14.73 7.21
C ARG A 267 4.36 14.24 7.19
N LEU A 268 4.90 13.94 8.37
CA LEU A 268 6.26 13.43 8.52
C LEU A 268 6.39 12.03 7.95
N ARG A 269 5.45 11.13 8.29
CA ARG A 269 5.42 9.76 7.79
C ARG A 269 5.33 9.70 6.28
N THR A 270 4.45 10.53 5.66
CA THR A 270 4.29 10.55 4.20
C THR A 270 5.63 10.97 3.54
N ALA A 271 6.26 12.04 4.06
CA ALA A 271 7.54 12.52 3.56
C ALA A 271 8.64 11.46 3.71
N CYS A 272 8.66 10.72 4.85
CA CYS A 272 9.64 9.66 5.11
C CYS A 272 9.53 8.52 4.09
N GLU A 273 8.31 8.07 3.80
CA GLU A 273 8.12 6.98 2.83
C GLU A 273 8.73 7.38 1.47
N ARG A 274 8.54 8.63 1.07
CA ARG A 274 9.04 9.14 -0.22
C ARG A 274 10.57 9.21 -0.18
N ALA A 275 11.14 9.75 0.94
CA ALA A 275 12.59 9.83 1.17
C ALA A 275 13.20 8.44 1.10
N LYS A 276 12.57 7.43 1.76
CA LYS A 276 13.04 6.04 1.72
C LYS A 276 13.18 5.55 0.28
N ARG A 277 12.17 5.82 -0.57
CA ARG A 277 12.21 5.45 -1.99
C ARG A 277 13.40 6.12 -2.70
N THR A 278 13.62 7.45 -2.49
CA THR A 278 14.74 8.24 -3.03
C THR A 278 16.10 7.60 -2.61
N LEU A 279 16.19 7.08 -1.36
CA LEU A 279 17.43 6.46 -0.83
C LEU A 279 17.79 5.12 -1.47
N SER A 280 16.88 4.56 -2.29
CA SER A 280 17.16 3.33 -3.02
C SER A 280 17.98 3.59 -4.29
N SER A 281 18.06 4.85 -4.74
CA SER A 281 18.85 5.19 -5.93
C SER A 281 19.77 6.38 -5.69
N SER A 282 19.64 7.06 -4.54
CA SER A 282 20.50 8.17 -4.14
C SER A 282 21.03 7.91 -2.74
N THR A 283 22.12 8.59 -2.36
CA THR A 283 22.76 8.42 -1.05
C THR A 283 22.29 9.46 -0.04
N GLN A 284 21.42 10.35 -0.49
CA GLN A 284 20.86 11.43 0.32
C GLN A 284 19.46 11.80 -0.15
N ALA A 285 18.59 12.22 0.79
CA ALA A 285 17.22 12.71 0.53
C ALA A 285 16.95 13.88 1.44
N SER A 286 16.30 14.92 0.90
CA SER A 286 15.96 16.13 1.65
C SER A 286 14.46 16.22 1.83
N ILE A 287 14.03 16.83 2.93
CA ILE A 287 12.64 17.01 3.25
C ILE A 287 12.36 18.47 3.68
N GLU A 288 11.34 19.07 3.11
CA GLU A 288 10.95 20.41 3.50
C GLU A 288 9.48 20.42 3.87
N ILE A 289 9.18 20.72 5.13
CA ILE A 289 7.81 20.76 5.60
C ILE A 289 7.56 22.05 6.35
N ASP A 290 6.79 22.95 5.76
CA ASP A 290 6.46 24.25 6.36
C ASP A 290 5.45 24.09 7.45
N SER A 291 5.57 24.87 8.53
CA SER A 291 4.60 24.86 9.62
C SER A 291 4.16 23.45 10.09
N LEU A 292 5.14 22.56 10.30
CA LEU A 292 4.91 21.17 10.73
C LEU A 292 4.17 21.12 12.06
N TYR A 293 4.64 21.88 13.04
CA TYR A 293 4.06 21.85 14.38
C TYR A 293 4.35 23.16 15.05
N GLU A 294 3.32 23.77 15.66
CA GLU A 294 3.39 25.06 16.34
C GLU A 294 4.10 26.14 15.49
N GLY A 295 3.73 26.18 14.21
CA GLY A 295 4.24 27.15 13.26
C GLY A 295 5.69 26.96 12.85
N ILE A 296 6.34 25.87 13.31
CA ILE A 296 7.75 25.59 13.02
C ILE A 296 7.95 24.88 11.68
N ASP A 297 8.82 25.45 10.78
CA ASP A 297 9.23 24.83 9.51
C ASP A 297 10.32 23.78 9.80
N PHE A 298 10.20 22.59 9.20
CA PHE A 298 11.15 21.52 9.40
C PHE A 298 11.86 21.18 8.09
N TYR A 299 13.06 21.73 7.88
CA TYR A 299 13.89 21.51 6.70
C TYR A 299 15.06 20.67 7.16
N THR A 300 15.15 19.45 6.64
CA THR A 300 16.17 18.51 7.03
C THR A 300 16.57 17.57 5.86
N SER A 301 17.48 16.62 6.15
CA SER A 301 17.96 15.61 5.22
C SER A 301 18.41 14.36 5.98
N ILE A 302 18.48 13.22 5.29
CA ILE A 302 18.90 11.92 5.79
C ILE A 302 19.80 11.27 4.71
N THR A 303 20.91 10.63 5.12
CA THR A 303 21.80 9.92 4.21
C THR A 303 21.34 8.46 4.15
N ARG A 304 21.77 7.69 3.12
CA ARG A 304 21.44 6.28 3.02
C ARG A 304 22.00 5.53 4.23
N ALA A 305 23.23 5.90 4.66
CA ALA A 305 23.93 5.29 5.79
C ALA A 305 23.15 5.40 7.09
N ARG A 306 22.55 6.59 7.38
CA ARG A 306 21.74 6.76 8.59
C ARG A 306 20.46 5.92 8.52
N PHE A 307 19.81 5.88 7.35
CA PHE A 307 18.60 5.08 7.12
C PHE A 307 18.86 3.59 7.40
N GLU A 308 20.02 3.08 6.96
CA GLU A 308 20.46 1.69 7.19
C GLU A 308 20.71 1.42 8.67
N GLU A 309 21.33 2.38 9.40
CA GLU A 309 21.61 2.27 10.85
C GLU A 309 20.31 2.18 11.66
N LEU A 310 19.33 3.05 11.37
CA LEU A 310 18.04 3.07 12.09
C LEU A 310 17.25 1.77 11.90
N ASN A 311 17.61 0.98 10.87
CA ASN A 311 16.93 -0.27 10.49
C ASN A 311 17.82 -1.49 10.54
N ALA A 312 19.07 -1.34 11.02
CA ALA A 312 20.07 -2.41 11.10
C ALA A 312 19.54 -3.77 11.62
N ASP A 313 18.78 -3.78 12.73
CA ASP A 313 18.20 -5.03 13.30
C ASP A 313 17.17 -5.65 12.36
N LEU A 314 16.34 -4.81 11.74
CA LEU A 314 15.33 -5.27 10.79
C LEU A 314 15.93 -5.84 9.51
N PHE A 315 16.93 -5.17 8.94
CA PHE A 315 17.58 -5.64 7.71
C PHE A 315 18.38 -6.94 7.92
N ARG A 316 19.15 -6.97 9.01
CA ARG A 316 19.96 -8.14 9.37
C ARG A 316 19.05 -9.31 9.69
N GLY A 317 17.97 -8.98 10.37
CA GLY A 317 16.95 -9.94 10.78
C GLY A 317 16.41 -10.80 9.66
N THR A 318 16.33 -10.25 8.42
CA THR A 318 15.84 -10.96 7.22
C THR A 318 16.66 -12.21 6.87
N LEU A 319 17.93 -12.29 7.35
CA LEU A 319 18.77 -13.47 7.08
C LEU A 319 18.45 -14.65 8.00
N ASP A 320 17.79 -14.43 9.13
CA ASP A 320 17.47 -15.55 10.00
C ASP A 320 16.53 -16.49 9.27
N PRO A 321 15.51 -15.94 8.62
CA PRO A 321 14.59 -16.80 7.86
C PRO A 321 15.34 -17.53 6.76
N VAL A 322 16.35 -16.91 6.18
CA VAL A 322 17.11 -17.58 5.15
C VAL A 322 17.83 -18.81 5.73
N GLU A 323 18.46 -18.65 6.89
CA GLU A 323 19.18 -19.71 7.62
C GLU A 323 18.22 -20.85 8.00
N LYS A 324 17.02 -20.49 8.55
CA LYS A 324 15.98 -21.43 8.95
C LYS A 324 15.47 -22.25 7.76
N ALA A 325 15.18 -21.59 6.61
CA ALA A 325 14.70 -22.28 5.40
C ALA A 325 15.76 -23.24 4.82
N LEU A 326 17.04 -22.86 4.81
CA LEU A 326 18.14 -23.69 4.32
C LEU A 326 18.33 -24.95 5.17
N ARG A 327 18.25 -24.78 6.51
CA ARG A 327 18.37 -25.85 7.50
C ARG A 327 17.19 -26.84 7.36
N ASP A 328 15.95 -26.33 7.20
CA ASP A 328 14.76 -27.18 7.05
C ASP A 328 14.74 -27.97 5.73
N ALA A 329 15.29 -27.37 4.65
CA ALA A 329 15.41 -27.99 3.33
C ALA A 329 16.63 -28.93 3.26
N LYS A 330 17.46 -28.98 4.34
CA LYS A 330 18.69 -29.79 4.45
C LYS A 330 19.69 -29.39 3.35
N LEU A 331 19.82 -28.07 3.11
CA LEU A 331 20.72 -27.54 2.09
C LEU A 331 21.67 -26.51 2.65
N ASP A 332 22.92 -26.54 2.17
CA ASP A 332 23.95 -25.55 2.49
C ASP A 332 23.71 -24.39 1.50
N LYS A 333 24.17 -23.17 1.84
CA LYS A 333 23.99 -21.97 1.01
C LYS A 333 24.66 -22.06 -0.39
N SER A 334 25.73 -22.89 -0.53
CA SER A 334 26.47 -23.08 -1.78
C SER A 334 25.67 -23.95 -2.75
N GLN A 335 24.59 -24.58 -2.27
CA GLN A 335 23.74 -25.46 -3.06
C GLN A 335 22.59 -24.69 -3.75
N ILE A 336 22.47 -23.39 -3.47
CA ILE A 336 21.45 -22.56 -4.10
C ILE A 336 21.98 -22.02 -5.41
N HIS A 337 21.29 -22.33 -6.50
CA HIS A 337 21.71 -21.89 -7.82
C HIS A 337 21.13 -20.54 -8.22
N ASP A 338 19.90 -20.26 -7.78
CA ASP A 338 19.27 -18.99 -8.11
C ASP A 338 18.62 -18.29 -6.91
N ILE A 339 18.76 -16.97 -6.86
CA ILE A 339 18.12 -16.15 -5.81
C ILE A 339 17.24 -15.13 -6.53
N VAL A 340 15.93 -15.13 -6.22
CA VAL A 340 14.93 -14.22 -6.80
C VAL A 340 14.40 -13.23 -5.76
N LEU A 341 14.32 -11.94 -6.13
CA LEU A 341 13.78 -10.88 -5.29
C LEU A 341 12.34 -10.57 -5.67
N VAL A 342 11.44 -10.59 -4.70
CA VAL A 342 10.03 -10.29 -4.87
C VAL A 342 9.57 -9.26 -3.82
N GLY A 343 8.67 -8.36 -4.19
CA GLY A 343 8.16 -7.34 -3.28
C GLY A 343 9.00 -6.10 -3.32
N GLY A 344 8.32 -4.95 -3.24
CA GLY A 344 8.90 -3.61 -3.32
C GLY A 344 10.05 -3.29 -2.41
N SER A 345 10.06 -3.84 -1.17
CA SER A 345 11.13 -3.51 -0.23
C SER A 345 12.46 -4.18 -0.56
N THR A 346 12.47 -5.17 -1.50
CA THR A 346 13.73 -5.80 -1.90
C THR A 346 14.57 -4.83 -2.76
N ARG A 347 14.01 -3.64 -3.06
CA ARG A 347 14.66 -2.59 -3.84
C ARG A 347 15.68 -1.85 -2.97
N ILE A 348 15.68 -2.12 -1.65
CA ILE A 348 16.59 -1.45 -0.71
C ILE A 348 18.00 -1.97 -0.93
N PRO A 349 18.95 -1.09 -1.34
CA PRO A 349 20.35 -1.53 -1.56
C PRO A 349 21.01 -2.31 -0.43
N LYS A 350 20.78 -1.95 0.86
CA LYS A 350 21.39 -2.68 1.98
C LYS A 350 20.89 -4.11 2.08
N ILE A 351 19.59 -4.31 1.83
CA ILE A 351 18.95 -5.64 1.82
C ILE A 351 19.61 -6.55 0.76
N GLN A 352 19.78 -6.05 -0.49
CA GLN A 352 20.43 -6.75 -1.58
C GLN A 352 21.86 -7.10 -1.22
N LYS A 353 22.58 -6.15 -0.59
CA LYS A 353 23.97 -6.35 -0.16
C LYS A 353 24.07 -7.48 0.86
N LEU A 354 23.21 -7.48 1.90
CA LEU A 354 23.23 -8.53 2.93
C LEU A 354 23.02 -9.93 2.33
N LEU A 355 22.02 -10.06 1.45
CA LEU A 355 21.67 -11.30 0.77
C LEU A 355 22.75 -11.76 -0.22
N GLN A 356 23.37 -10.83 -0.97
CA GLN A 356 24.48 -11.16 -1.88
C GLN A 356 25.74 -11.60 -1.09
N ASP A 357 26.09 -10.87 -0.01
CA ASP A 357 27.26 -11.16 0.85
C ASP A 357 27.13 -12.54 1.51
N PHE A 358 25.91 -12.86 2.02
CA PHE A 358 25.57 -14.13 2.63
C PHE A 358 25.82 -15.24 1.61
N PHE A 359 25.36 -15.05 0.36
CA PHE A 359 25.53 -16.05 -0.69
C PHE A 359 26.88 -15.93 -1.45
N ASN A 360 27.89 -15.28 -0.83
CA ASN A 360 29.26 -15.11 -1.31
C ASN A 360 29.41 -14.52 -2.72
N GLY A 361 28.84 -13.34 -2.91
CA GLY A 361 28.88 -12.59 -4.17
C GLY A 361 27.96 -13.03 -5.29
N LYS A 362 27.10 -14.04 -5.02
CA LYS A 362 26.15 -14.57 -6.01
C LYS A 362 25.21 -13.46 -6.49
N GLU A 363 25.10 -13.29 -7.83
CA GLU A 363 24.25 -12.28 -8.46
C GLU A 363 22.79 -12.63 -8.24
N LEU A 364 21.92 -11.63 -7.98
CA LEU A 364 20.49 -11.81 -7.73
C LEU A 364 19.63 -11.56 -8.95
N ASN A 365 18.50 -12.29 -9.06
CA ASN A 365 17.53 -12.08 -10.13
C ASN A 365 16.57 -10.99 -9.67
N LYS A 366 16.72 -9.78 -10.24
CA LYS A 366 15.97 -8.58 -9.84
C LYS A 366 15.56 -7.65 -11.01
N SER A 367 15.80 -8.06 -12.27
CA SER A 367 15.50 -7.26 -13.47
C SER A 367 13.99 -6.99 -13.65
N ILE A 368 13.13 -7.89 -13.16
CA ILE A 368 11.69 -7.70 -13.27
C ILE A 368 11.26 -6.92 -12.04
N ASN A 369 10.43 -5.89 -12.19
CA ASN A 369 10.05 -5.15 -11.01
C ASN A 369 9.50 -6.11 -9.95
N PRO A 370 10.06 -6.03 -8.76
CA PRO A 370 9.71 -6.96 -7.67
C PRO A 370 8.23 -6.98 -7.30
N ASP A 371 7.59 -5.82 -7.39
CA ASP A 371 6.18 -5.69 -7.09
C ASP A 371 5.32 -6.44 -8.10
N GLU A 372 5.88 -6.67 -9.28
CA GLU A 372 5.17 -7.25 -10.45
C GLU A 372 5.51 -8.67 -10.83
N ALA A 373 6.66 -9.20 -10.35
CA ALA A 373 7.20 -10.53 -10.68
C ALA A 373 6.24 -11.71 -10.46
N VAL A 374 5.37 -11.65 -9.42
CA VAL A 374 4.42 -12.74 -9.16
C VAL A 374 3.28 -12.71 -10.20
N ALA A 375 2.66 -11.53 -10.44
CA ALA A 375 1.63 -11.40 -11.48
C ALA A 375 2.24 -11.68 -12.87
N TYR A 376 3.52 -11.32 -13.08
CA TYR A 376 4.25 -11.53 -14.34
C TYR A 376 4.32 -13.03 -14.67
N GLY A 377 4.75 -13.84 -13.71
CA GLY A 377 4.83 -15.30 -13.88
C GLY A 377 3.48 -15.97 -13.99
N ALA A 378 2.44 -15.41 -13.29
CA ALA A 378 1.07 -15.92 -13.33
C ALA A 378 0.49 -15.66 -14.72
N ALA A 379 0.87 -14.52 -15.35
CA ALA A 379 0.44 -14.17 -16.72
C ALA A 379 1.11 -15.06 -17.76
N VAL A 380 2.40 -15.45 -17.53
CA VAL A 380 3.13 -16.38 -18.43
C VAL A 380 2.40 -17.73 -18.39
N GLN A 381 2.11 -18.22 -17.17
CA GLN A 381 1.40 -19.48 -16.93
C GLN A 381 0.01 -19.45 -17.57
N ALA A 382 -0.70 -18.29 -17.47
CA ALA A 382 -2.04 -18.09 -18.04
C ALA A 382 -2.03 -18.22 -19.56
N ALA A 383 -0.97 -17.72 -20.23
CA ALA A 383 -0.83 -17.80 -21.69
C ALA A 383 -0.57 -19.24 -22.12
N ILE A 384 0.19 -20.02 -21.32
CA ILE A 384 0.52 -21.44 -21.58
C ILE A 384 -0.75 -22.31 -21.46
N LEU A 385 -1.80 -21.82 -20.79
CA LEU A 385 -3.08 -22.52 -20.62
C LEU A 385 -4.18 -21.76 -21.35
N GLY B 1 21.35 34.13 -2.62
CA GLY B 1 21.61 34.46 -4.02
C GLY B 1 21.34 35.90 -4.40
N PRO B 2 21.36 36.23 -5.72
CA PRO B 2 21.11 37.62 -6.13
C PRO B 2 19.64 38.02 -6.21
N LEU B 3 19.37 39.33 -6.10
CA LEU B 3 18.02 39.89 -6.20
C LEU B 3 17.75 40.23 -7.67
N GLY B 4 16.47 40.21 -8.06
CA GLY B 4 16.05 40.45 -9.45
C GLY B 4 16.64 39.39 -10.36
N SER B 5 16.75 38.16 -9.84
CA SER B 5 17.33 37.02 -10.55
C SER B 5 16.26 35.95 -10.89
N ASN B 6 14.98 36.39 -11.03
CA ASN B 6 13.86 35.53 -11.39
C ASN B 6 14.25 34.60 -12.54
N SER B 7 14.16 33.29 -12.30
CA SER B 7 14.54 32.27 -13.28
C SER B 7 13.32 31.57 -13.92
N PRO B 8 13.45 31.01 -15.16
CA PRO B 8 12.33 30.27 -15.75
C PRO B 8 11.93 29.04 -14.93
N GLN B 9 12.90 28.42 -14.21
CA GLN B 9 12.71 27.22 -13.36
C GLN B 9 11.78 27.51 -12.19
N GLU B 10 11.86 28.73 -11.62
CA GLU B 10 10.96 29.09 -10.50
C GLU B 10 9.53 29.24 -11.04
N GLU B 11 9.36 29.66 -12.33
CA GLU B 11 8.03 29.75 -12.97
C GLU B 11 7.30 28.40 -12.88
N VAL B 12 8.03 27.29 -13.06
CA VAL B 12 7.54 25.91 -12.96
C VAL B 12 7.00 25.61 -11.56
N GLU B 13 7.77 25.94 -10.52
CA GLU B 13 7.34 25.71 -9.14
C GLU B 13 6.14 26.58 -8.79
N LEU B 14 6.13 27.85 -9.26
CA LEU B 14 5.03 28.80 -8.98
C LEU B 14 3.74 28.33 -9.65
N LYS B 15 3.87 27.67 -10.80
CA LYS B 15 2.70 27.12 -11.51
C LYS B 15 2.12 25.96 -10.69
N LYS B 16 3.01 25.13 -10.09
CA LYS B 16 2.56 24.02 -9.25
C LYS B 16 1.80 24.56 -8.04
N LEU B 17 2.32 25.60 -7.38
CA LEU B 17 1.69 26.23 -6.21
C LEU B 17 0.36 26.90 -6.56
N LYS B 18 0.29 27.58 -7.72
CA LYS B 18 -0.93 28.24 -8.21
C LYS B 18 -2.08 27.24 -8.40
N HIS B 19 -1.79 26.03 -8.93
N HIS B 19 -1.79 26.03 -8.93
CA HIS B 19 -2.78 24.94 -9.12
CA HIS B 19 -2.76 24.94 -9.11
C HIS B 19 -3.26 24.43 -7.75
C HIS B 19 -3.27 24.50 -7.74
N LEU B 20 -2.36 24.40 -6.75
CA LEU B 20 -2.69 24.00 -5.38
C LEU B 20 -3.53 25.08 -4.69
N GLU B 21 -3.31 26.37 -5.01
CA GLU B 21 -4.11 27.49 -4.46
C GLU B 21 -5.55 27.35 -4.93
N LYS B 22 -5.74 27.02 -6.23
CA LYS B 22 -7.03 26.84 -6.89
C LYS B 22 -7.78 25.68 -6.25
N SER B 23 -7.09 24.55 -6.00
CA SER B 23 -7.66 23.37 -5.34
C SER B 23 -8.09 23.71 -3.92
N VAL B 24 -7.31 24.53 -3.21
CA VAL B 24 -7.65 24.97 -1.85
C VAL B 24 -8.90 25.89 -1.86
N GLU B 25 -9.02 26.74 -2.89
CA GLU B 25 -10.19 27.63 -3.07
C GLU B 25 -11.44 26.77 -3.26
N LYS B 26 -11.33 25.68 -4.05
CA LYS B 26 -12.45 24.77 -4.29
C LYS B 26 -12.87 24.03 -3.00
N ILE B 27 -11.88 23.53 -2.20
CA ILE B 27 -12.16 22.82 -0.95
C ILE B 27 -12.74 23.79 0.09
N ALA B 28 -12.31 25.04 0.05
CA ALA B 28 -12.80 26.09 0.92
C ALA B 28 -14.29 26.38 0.63
N ASP B 29 -14.67 26.37 -0.64
CA ASP B 29 -16.07 26.60 -1.03
C ASP B 29 -16.93 25.49 -0.45
N GLN B 30 -16.42 24.26 -0.47
CA GLN B 30 -17.12 23.11 0.08
C GLN B 30 -17.33 23.31 1.58
N LEU B 31 -16.31 23.82 2.24
CA LEU B 31 -16.39 24.13 3.68
C LEU B 31 -17.51 25.16 3.93
N GLU B 32 -17.59 26.21 3.10
CA GLU B 32 -18.60 27.23 3.23
C GLU B 32 -20.00 26.65 2.98
N GLU B 33 -20.14 25.73 2.01
CA GLU B 33 -21.43 25.07 1.75
C GLU B 33 -21.85 24.21 2.93
N LEU B 34 -20.87 23.53 3.59
CA LEU B 34 -21.12 22.71 4.79
C LEU B 34 -21.62 23.56 5.95
N ASN B 35 -21.05 24.77 6.10
CA ASN B 35 -21.42 25.76 7.13
C ASN B 35 -22.88 26.21 6.94
N LYS B 36 -23.27 26.46 5.68
CA LYS B 36 -24.65 26.86 5.33
C LYS B 36 -25.63 25.72 5.65
N GLU B 37 -25.22 24.46 5.39
CA GLU B 37 -26.04 23.29 5.68
C GLU B 37 -26.17 23.07 7.17
N LEU B 38 -25.08 23.35 7.92
CA LEU B 38 -25.05 23.27 9.38
C LEU B 38 -26.11 24.21 9.95
N THR B 39 -26.05 25.50 9.56
CA THR B 39 -27.04 26.49 10.01
C THR B 39 -28.48 26.08 9.64
N GLY B 40 -28.62 25.47 8.46
CA GLY B 40 -29.87 24.97 7.91
C GLY B 40 -30.52 23.93 8.80
N ILE B 41 -29.73 22.95 9.27
CA ILE B 41 -30.17 21.87 10.17
C ILE B 41 -30.60 22.48 11.52
N GLN B 42 -29.76 23.40 12.07
CA GLN B 42 -30.01 24.08 13.34
C GLN B 42 -31.27 24.97 13.32
N GLN B 43 -31.57 25.63 12.17
CA GLN B 43 -32.74 26.54 12.04
C GLN B 43 -33.92 25.90 11.30
N GLY B 44 -33.86 24.59 11.10
CA GLY B 44 -34.93 23.87 10.42
C GLY B 44 -35.88 23.20 11.38
N PHE B 45 -36.77 22.36 10.85
CA PHE B 45 -37.80 21.66 11.60
C PHE B 45 -37.53 20.17 11.82
N LEU B 46 -36.26 19.73 11.76
CA LEU B 46 -35.95 18.32 11.98
C LEU B 46 -36.02 17.99 13.48
N PRO B 47 -36.79 16.94 13.87
CA PRO B 47 -36.80 16.54 15.30
C PRO B 47 -35.46 15.87 15.66
N LYS B 48 -35.13 15.79 16.97
CA LYS B 48 -33.89 15.22 17.54
C LYS B 48 -33.31 14.01 16.80
N ASP B 49 -34.14 12.97 16.55
CA ASP B 49 -33.74 11.73 15.86
C ASP B 49 -33.32 11.97 14.40
N LEU B 50 -34.01 12.89 13.72
CA LEU B 50 -33.74 13.24 12.32
C LEU B 50 -32.60 14.23 12.20
N GLN B 51 -32.43 15.17 13.17
CA GLN B 51 -31.30 16.10 13.09
C GLN B 51 -29.98 15.35 13.34
N ALA B 52 -30.00 14.33 14.22
CA ALA B 52 -28.87 13.45 14.55
C ALA B 52 -28.26 12.84 13.28
N GLU B 53 -29.12 12.25 12.41
CA GLU B 53 -28.74 11.66 11.12
C GLU B 53 -28.18 12.74 10.19
N ALA B 54 -28.88 13.88 10.10
CA ALA B 54 -28.46 15.01 9.25
C ALA B 54 -27.09 15.53 9.66
N LEU B 55 -26.83 15.65 10.96
CA LEU B 55 -25.50 16.10 11.45
C LEU B 55 -24.41 15.04 11.20
N CYS B 56 -24.77 13.76 11.26
CA CYS B 56 -23.76 12.74 10.99
C CYS B 56 -23.40 12.68 9.50
N LYS B 57 -24.38 12.87 8.62
CA LYS B 57 -24.12 12.91 7.17
C LYS B 57 -23.14 14.07 6.89
N LEU B 58 -23.36 15.19 7.60
CA LEU B 58 -22.54 16.39 7.58
C LEU B 58 -21.14 16.10 8.13
N ASP B 59 -21.06 15.26 9.17
CA ASP B 59 -19.79 14.85 9.78
C ASP B 59 -18.88 14.12 8.77
N ARG B 60 -19.47 13.27 7.94
CA ARG B 60 -18.78 12.51 6.90
C ARG B 60 -18.22 13.49 5.86
N ARG B 61 -19.03 14.48 5.49
CA ARG B 61 -18.62 15.52 4.57
C ARG B 61 -17.48 16.37 5.12
N VAL B 62 -17.54 16.70 6.40
CA VAL B 62 -16.49 17.49 7.05
C VAL B 62 -15.20 16.70 7.05
N LYS B 63 -15.29 15.40 7.32
CA LYS B 63 -14.15 14.51 7.31
C LYS B 63 -13.54 14.45 5.93
N ALA B 64 -14.37 14.42 4.89
CA ALA B 64 -13.87 14.42 3.50
C ALA B 64 -13.12 15.71 3.20
N THR B 65 -13.65 16.87 3.69
CA THR B 65 -13.04 18.18 3.51
C THR B 65 -11.67 18.21 4.24
N ILE B 66 -11.60 17.69 5.49
CA ILE B 66 -10.34 17.66 6.29
C ILE B 66 -9.29 16.81 5.52
N GLU B 67 -9.71 15.64 5.02
CA GLU B 67 -8.82 14.73 4.25
C GLU B 67 -8.27 15.40 2.99
N GLN B 68 -9.13 16.13 2.26
CA GLN B 68 -8.74 16.84 1.02
C GLN B 68 -7.69 17.92 1.34
N PHE B 69 -7.88 18.63 2.44
CA PHE B 69 -6.93 19.64 2.92
C PHE B 69 -5.61 18.96 3.30
N MET B 70 -5.68 17.81 4.01
CA MET B 70 -4.50 17.02 4.38
C MET B 70 -3.76 16.54 3.11
N LYS B 71 -4.49 16.09 2.04
CA LYS B 71 -3.81 15.63 0.79
C LYS B 71 -3.10 16.82 0.10
N ILE B 72 -3.65 18.05 0.24
CA ILE B 72 -2.98 19.25 -0.30
C ILE B 72 -1.68 19.49 0.46
N LEU B 73 -1.68 19.36 1.81
CA LEU B 73 -0.43 19.58 2.56
C LEU B 73 0.63 18.59 2.13
N GLU B 74 0.24 17.34 1.92
CA GLU B 74 1.17 16.29 1.53
C GLU B 74 1.78 16.59 0.18
N GLU B 75 0.98 17.11 -0.73
CA GLU B 75 1.43 17.50 -2.04
C GLU B 75 2.44 18.63 -1.99
N ILE B 76 2.16 19.61 -1.15
CA ILE B 76 3.04 20.75 -0.96
C ILE B 76 4.37 20.29 -0.37
N ASP B 77 4.29 19.36 0.57
CA ASP B 77 5.46 18.76 1.25
C ASP B 77 6.40 17.98 0.30
N THR B 78 5.99 17.74 -0.97
CA THR B 78 6.86 17.07 -1.95
C THR B 78 7.83 18.12 -2.55
N LEU B 79 7.50 19.39 -2.38
CA LEU B 79 8.33 20.45 -2.94
C LEU B 79 9.64 20.68 -2.24
N ILE B 80 10.68 20.86 -3.04
CA ILE B 80 11.99 21.20 -2.53
C ILE B 80 12.28 22.48 -3.28
N LEU B 81 12.45 23.57 -2.56
CA LEU B 81 12.69 24.83 -3.20
C LEU B 81 14.03 25.41 -2.78
N PRO B 82 14.88 25.67 -3.75
CA PRO B 82 16.19 26.27 -3.43
C PRO B 82 16.00 27.60 -2.74
N GLU B 83 16.94 27.94 -1.82
CA GLU B 83 16.92 29.18 -1.02
C GLU B 83 16.73 30.43 -1.86
N ASN B 84 17.22 30.38 -3.09
CA ASN B 84 17.10 31.49 -4.05
C ASN B 84 15.69 31.70 -4.61
N PHE B 85 14.85 30.68 -4.55
CA PHE B 85 13.48 30.79 -5.03
C PHE B 85 12.68 31.44 -3.91
N LYS B 86 12.93 32.71 -3.66
CA LYS B 86 12.25 33.43 -2.60
C LYS B 86 10.74 33.58 -2.79
N ASP B 87 10.31 33.92 -3.98
CA ASP B 87 8.88 34.09 -4.27
C ASP B 87 8.06 32.82 -4.05
N SER B 88 8.61 31.66 -4.44
CA SER B 88 8.00 30.32 -4.27
C SER B 88 7.94 29.94 -2.81
N ARG B 89 9.02 30.21 -2.08
CA ARG B 89 9.09 29.89 -0.66
C ARG B 89 8.05 30.69 0.14
N LEU B 90 7.84 31.97 -0.19
CA LEU B 90 6.83 32.84 0.44
C LEU B 90 5.39 32.35 0.09
N LYS B 91 5.16 31.98 -1.18
CA LYS B 91 3.86 31.46 -1.60
C LYS B 91 3.55 30.10 -0.93
N ARG B 92 4.54 29.19 -0.82
CA ARG B 92 4.36 27.91 -0.15
C ARG B 92 3.96 28.12 1.35
N LYS B 93 4.64 29.03 2.05
CA LYS B 93 4.35 29.32 3.46
C LYS B 93 2.95 29.91 3.65
N GLY B 94 2.53 30.81 2.76
CA GLY B 94 1.21 31.44 2.86
C GLY B 94 0.09 30.44 2.61
N LEU B 95 0.27 29.54 1.63
CA LEU B 95 -0.70 28.49 1.31
C LEU B 95 -0.89 27.48 2.43
N VAL B 96 0.21 27.01 3.01
CA VAL B 96 0.17 26.06 4.16
C VAL B 96 -0.57 26.74 5.33
N LYS B 97 -0.23 27.99 5.64
CA LYS B 97 -0.88 28.72 6.73
C LYS B 97 -2.39 28.93 6.44
N LYS B 98 -2.74 29.17 5.17
CA LYS B 98 -4.14 29.34 4.78
C LYS B 98 -4.87 27.99 4.99
N VAL B 99 -4.25 26.87 4.59
CA VAL B 99 -4.85 25.54 4.78
C VAL B 99 -4.99 25.19 6.25
N GLN B 100 -3.98 25.52 7.08
CA GLN B 100 -4.05 25.27 8.52
C GLN B 100 -5.17 26.10 9.17
N ALA B 101 -5.43 27.33 8.69
CA ALA B 101 -6.55 28.13 9.25
C ALA B 101 -7.93 27.50 8.84
N PHE B 102 -8.02 26.91 7.63
CA PHE B 102 -9.24 26.21 7.20
C PHE B 102 -9.40 24.91 7.98
N LEU B 103 -8.29 24.18 8.26
CA LEU B 103 -8.35 22.96 9.06
C LEU B 103 -8.88 23.26 10.48
N ALA B 104 -8.43 24.38 11.10
CA ALA B 104 -8.89 24.82 12.44
C ALA B 104 -10.41 25.05 12.41
N GLU B 105 -10.94 25.65 11.31
CA GLU B 105 -12.39 25.88 11.09
C GLU B 105 -13.12 24.53 10.94
N CYS B 106 -12.57 23.57 10.17
CA CYS B 106 -13.16 22.23 10.01
C CYS B 106 -13.29 21.58 11.40
N ASP B 107 -12.24 21.73 12.24
CA ASP B 107 -12.20 21.12 13.58
C ASP B 107 -13.27 21.73 14.48
N THR B 108 -13.58 23.01 14.28
CA THR B 108 -14.63 23.73 15.01
C THR B 108 -15.98 23.07 14.70
N VAL B 109 -16.22 22.69 13.42
CA VAL B 109 -17.45 22.05 13.00
C VAL B 109 -17.47 20.59 13.50
N GLU B 110 -16.44 19.83 13.12
CA GLU B 110 -16.22 18.40 13.43
C GLU B 110 -16.39 18.07 14.89
N GLN B 111 -15.83 18.87 15.81
CA GLN B 111 -15.98 18.64 17.25
C GLN B 111 -17.37 18.98 17.79
N ASN B 112 -18.12 19.91 17.12
CA ASN B 112 -19.45 20.38 17.53
C ASN B 112 -20.65 19.52 17.06
N ILE B 113 -20.41 18.52 16.24
CA ILE B 113 -21.49 17.69 15.72
C ILE B 113 -21.21 16.21 15.73
N CYS B 114 -22.27 15.42 15.66
CA CYS B 114 -22.20 13.95 15.59
C CYS B 114 -21.29 13.33 16.62
N GLN B 115 -21.46 13.79 17.85
CA GLN B 115 -20.73 13.35 19.01
C GLN B 115 -20.79 14.52 19.97
#